data_1QNC
#
_entry.id   1QNC
#
_cell.length_a   42.000
_cell.length_b   57.000
_cell.length_c   147.000
_cell.angle_alpha   90.00
_cell.angle_beta   96.00
_cell.angle_gamma   90.00
#
_symmetry.space_group_name_H-M   'P 1 21 1'
#
loop_
_entity.id
_entity.type
_entity.pdbx_description
1 polymer 'TRANSCRIPTION INITIATION FACTOR TFIID-1'
2 polymer "DNA (5'-D(*GP*CP*AP*AP*TP*AP*AP*AP*AP*GP*GP*GP*CP*A)-3')"
3 polymer "DNA (5'-D(*TP*GP*CP*CP*CP*TP*TP*TP*TP*AP*TP*TP*GP*C)-3')"
4 water water
#
loop_
_entity_poly.entity_id
_entity_poly.type
_entity_poly.pdbx_seq_one_letter_code
_entity_poly.pdbx_strand_id
1 'polypeptide(L)'
;MTDQGLEGSNPVDLSKHPSGIVPTLQNIVSTVNLDCKLDLKAIALQARNAEYNPKRFAAVIMRIREPKTTALIFASGKMV
CTGAKSEDFSKMAARKYARIVQKLGFPAKFKDFKIQNIVGSCDVKFPIRLEGLAYSHAAFSSYEPELFPGLIYRMKVPKI
VLLIFVSGKIVITGAKMRDETYKAFENIYPVLSEFRKIQQ
;
A,B
2 'polydeoxyribonucleotide' (DG)(DC)(DA)(DA)(DT)(DA)(DA)(DA)(DA)(DG)(DG)(DG)(DC)(DA) C,E
3 'polydeoxyribonucleotide' (DT)(DG)(DC)(DC)(DC)(DT)(DT)(DT)(DT)(DA)(DT)(DT)(DG)(DC) D,F
#
loop_
_chem_comp.id
_chem_comp.type
_chem_comp.name
_chem_comp.formula
DA DNA linking 2'-DEOXYADENOSINE-5'-MONOPHOSPHATE 'C10 H14 N5 O6 P'
DC DNA linking 2'-DEOXYCYTIDINE-5'-MONOPHOSPHATE 'C9 H14 N3 O7 P'
DG DNA linking 2'-DEOXYGUANOSINE-5'-MONOPHOSPHATE 'C10 H14 N5 O7 P'
DT DNA linking THYMIDINE-5'-MONOPHOSPHATE 'C10 H15 N2 O8 P'
#
# COMPACT_ATOMS: atom_id res chain seq x y z
N LYS A 16 11.35 -1.48 7.20
CA LYS A 16 9.99 -1.75 7.77
C LYS A 16 9.00 -0.74 7.20
N HIS A 17 9.16 -0.42 5.92
CA HIS A 17 8.30 0.55 5.25
C HIS A 17 7.79 0.11 3.88
N PRO A 18 6.89 -0.89 3.84
CA PRO A 18 6.31 -1.42 2.60
C PRO A 18 5.65 -0.35 1.72
N SER A 19 5.17 0.71 2.36
CA SER A 19 4.51 1.83 1.67
C SER A 19 5.49 2.68 0.89
N GLY A 20 6.75 2.66 1.32
CA GLY A 20 7.78 3.45 0.66
C GLY A 20 7.84 4.87 1.19
N ILE A 21 7.09 5.12 2.26
CA ILE A 21 7.03 6.42 2.90
C ILE A 21 7.40 6.26 4.37
N VAL A 22 8.28 7.11 4.87
CA VAL A 22 8.65 7.01 6.27
C VAL A 22 8.19 8.28 6.94
N PRO A 23 7.32 8.14 7.95
CA PRO A 23 6.79 9.30 8.68
C PRO A 23 7.98 10.06 9.27
N THR A 24 7.92 11.39 9.22
CA THR A 24 8.96 12.23 9.79
C THR A 24 8.63 12.49 11.24
N LEU A 25 9.61 12.34 12.13
CA LEU A 25 9.36 12.59 13.55
C LEU A 25 9.40 14.09 13.74
N GLN A 26 8.36 14.63 14.36
CA GLN A 26 8.22 16.07 14.53
C GLN A 26 8.38 16.62 15.94
N ASN A 27 8.05 15.80 16.93
CA ASN A 27 8.13 16.23 18.32
C ASN A 27 8.32 15.01 19.18
N ILE A 28 9.14 15.16 20.21
CA ILE A 28 9.41 14.09 21.14
C ILE A 28 9.18 14.71 22.52
N VAL A 29 8.52 13.96 23.40
CA VAL A 29 8.28 14.41 24.77
C VAL A 29 8.97 13.37 25.64
N SER A 30 9.85 13.82 26.54
CA SER A 30 10.56 12.90 27.41
C SER A 30 10.62 13.45 28.82
N THR A 31 10.93 12.59 29.78
CA THR A 31 11.03 12.97 31.17
C THR A 31 12.26 12.34 31.74
N VAL A 32 12.78 12.95 32.79
CA VAL A 32 13.95 12.43 33.46
C VAL A 32 13.83 12.93 34.88
N ASN A 33 14.56 12.28 35.77
CA ASN A 33 14.54 12.62 37.18
C ASN A 33 15.91 13.17 37.54
N LEU A 34 15.98 14.47 37.82
CA LEU A 34 17.26 15.08 38.18
C LEU A 34 17.67 14.53 39.53
N ASP A 35 16.71 13.94 40.22
CA ASP A 35 16.92 13.30 41.49
C ASP A 35 17.31 14.19 42.65
N CYS A 36 16.81 15.42 42.65
CA CYS A 36 17.09 16.33 43.75
C CYS A 36 16.05 17.44 43.78
N LYS A 37 15.71 17.90 44.97
CA LYS A 37 14.74 18.97 45.10
C LYS A 37 15.36 20.24 44.54
N LEU A 38 14.56 21.08 43.88
CA LEU A 38 15.09 22.31 43.29
C LEU A 38 14.39 23.56 43.80
N ASP A 39 15.13 24.66 43.89
CA ASP A 39 14.52 25.93 44.31
C ASP A 39 14.19 26.63 43.01
N LEU A 40 12.92 26.58 42.63
CA LEU A 40 12.50 27.16 41.36
C LEU A 40 12.68 28.65 41.21
N LYS A 41 12.55 29.38 42.32
CA LYS A 41 12.72 30.83 42.27
C LYS A 41 14.20 31.17 42.07
N ALA A 42 15.09 30.40 42.71
CA ALA A 42 16.52 30.62 42.59
C ALA A 42 16.95 30.33 41.16
N ILE A 43 16.36 29.31 40.56
CA ILE A 43 16.69 28.97 39.17
C ILE A 43 16.18 30.05 38.22
N ALA A 44 14.94 30.48 38.41
CA ALA A 44 14.32 31.51 37.56
C ALA A 44 15.02 32.87 37.69
N LEU A 45 15.71 33.09 38.79
CA LEU A 45 16.43 34.33 39.01
C LEU A 45 17.86 34.23 38.49
N GLN A 46 18.51 33.10 38.75
CA GLN A 46 19.89 32.90 38.32
C GLN A 46 19.98 32.71 36.80
N ALA A 47 18.96 32.11 36.21
CA ALA A 47 18.96 31.87 34.77
C ALA A 47 18.30 33.01 34.02
N ARG A 48 18.90 33.36 32.89
CA ARG A 48 18.31 34.41 32.07
C ARG A 48 17.30 33.71 31.16
N ASN A 49 17.69 32.56 30.63
CA ASN A 49 16.79 31.80 29.77
C ASN A 49 15.70 30.99 30.52
N ALA A 50 15.05 31.59 31.51
CA ALA A 50 14.03 30.86 32.27
C ALA A 50 12.80 31.66 32.70
N GLU A 51 11.61 31.11 32.43
CA GLU A 51 10.34 31.75 32.78
C GLU A 51 9.63 31.02 33.92
N TYR A 52 9.11 31.77 34.87
CA TYR A 52 8.44 31.18 36.01
C TYR A 52 7.40 32.08 36.67
N ASN A 53 6.23 31.50 36.92
CA ASN A 53 5.15 32.16 37.65
C ASN A 53 4.20 31.06 38.08
N PRO A 54 4.42 30.57 39.31
CA PRO A 54 3.64 29.50 39.93
C PRO A 54 2.13 29.76 39.99
N LYS A 55 1.73 31.00 39.80
CA LYS A 55 0.32 31.34 39.80
C LYS A 55 -0.33 30.77 38.56
N ARG A 56 0.47 30.61 37.52
CA ARG A 56 0.01 30.07 36.25
C ARG A 56 0.36 28.58 36.11
N PHE A 57 1.62 28.23 36.38
CA PHE A 57 2.07 26.85 36.25
C PHE A 57 3.19 26.56 37.24
N ALA A 58 3.20 25.35 37.77
CA ALA A 58 4.18 24.93 38.74
C ALA A 58 5.60 24.65 38.25
N ALA A 59 5.96 25.03 37.04
CA ALA A 59 7.30 24.73 36.58
C ALA A 59 8.03 25.92 36.03
N VAL A 60 9.34 25.79 35.95
CA VAL A 60 10.20 26.81 35.37
C VAL A 60 10.21 26.34 33.92
N ILE A 61 9.98 27.25 33.00
CA ILE A 61 9.98 26.90 31.60
C ILE A 61 11.31 27.42 31.06
N MET A 62 12.11 26.52 30.50
CA MET A 62 13.42 26.90 30.00
C MET A 62 13.51 26.43 28.56
N ARG A 63 14.37 27.05 27.77
CA ARG A 63 14.53 26.65 26.37
C ARG A 63 15.99 26.78 25.96
N ILE A 64 16.50 25.80 25.20
CA ILE A 64 17.85 25.91 24.67
C ILE A 64 17.70 25.94 23.16
N ARG A 65 18.71 26.46 22.47
CA ARG A 65 18.63 26.57 21.02
C ARG A 65 18.97 25.31 20.22
N GLU A 66 19.85 24.47 20.74
CA GLU A 66 20.24 23.30 20.03
C GLU A 66 20.52 22.18 21.00
N PRO A 67 19.73 21.07 20.95
CA PRO A 67 18.62 20.86 20.01
C PRO A 67 17.53 21.81 20.45
N LYS A 68 16.78 22.38 19.52
CA LYS A 68 15.71 23.32 19.89
C LYS A 68 14.60 22.63 20.66
N THR A 69 14.54 22.92 21.96
CA THR A 69 13.56 22.32 22.84
C THR A 69 13.12 23.26 23.94
N THR A 70 12.16 22.80 24.72
CA THR A 70 11.60 23.52 25.86
C THR A 70 11.51 22.49 27.00
N ALA A 71 12.02 22.84 28.18
CA ALA A 71 11.98 21.95 29.34
C ALA A 71 11.01 22.54 30.33
N LEU A 72 10.41 21.67 31.13
CA LEU A 72 9.49 22.07 32.17
C LEU A 72 10.20 21.50 33.39
N ILE A 73 10.73 22.38 34.24
CA ILE A 73 11.49 21.94 35.42
C ILE A 73 10.63 22.19 36.66
N PHE A 74 10.40 21.12 37.43
CA PHE A 74 9.57 21.17 38.65
C PHE A 74 10.40 21.09 39.92
N ALA A 75 9.84 21.56 41.02
CA ALA A 75 10.54 21.56 42.30
C ALA A 75 10.98 20.18 42.77
N SER A 76 10.25 19.17 42.33
CA SER A 76 10.55 17.79 42.69
C SER A 76 11.84 17.29 42.06
N GLY A 77 12.41 18.06 41.13
CA GLY A 77 13.61 17.60 40.46
C GLY A 77 13.27 16.85 39.19
N LYS A 78 11.99 16.57 38.97
CA LYS A 78 11.56 15.90 37.75
C LYS A 78 11.53 16.93 36.61
N MET A 79 11.76 16.48 35.38
CA MET A 79 11.76 17.39 34.27
C MET A 79 11.17 16.80 32.99
N VAL A 80 10.42 17.63 32.25
CA VAL A 80 9.83 17.23 30.97
C VAL A 80 10.55 17.97 29.84
N CYS A 81 10.96 17.24 28.80
CA CYS A 81 11.63 17.84 27.65
C CYS A 81 10.72 17.73 26.40
N THR A 82 10.46 18.84 25.73
CA THR A 82 9.56 18.86 24.58
C THR A 82 10.20 19.52 23.36
N GLY A 83 9.71 19.16 22.17
CA GLY A 83 10.20 19.79 20.95
C GLY A 83 11.32 19.17 20.15
N ALA A 84 11.99 18.15 20.67
CA ALA A 84 13.09 17.52 19.92
C ALA A 84 12.59 16.75 18.70
N LYS A 85 13.45 16.62 17.69
CA LYS A 85 13.11 15.90 16.47
C LYS A 85 13.48 14.41 16.49
N SER A 86 14.10 13.94 17.57
CA SER A 86 14.46 12.53 17.66
C SER A 86 14.61 12.16 19.12
N GLU A 87 14.71 10.87 19.40
CA GLU A 87 14.85 10.41 20.77
C GLU A 87 16.21 10.83 21.29
N ASP A 88 17.23 10.70 20.45
CA ASP A 88 18.59 11.06 20.84
C ASP A 88 18.66 12.54 21.16
N PHE A 89 18.16 13.37 20.25
CA PHE A 89 18.13 14.83 20.45
C PHE A 89 17.40 15.21 21.73
N SER A 90 16.37 14.46 22.11
CA SER A 90 15.62 14.74 23.32
C SER A 90 16.50 14.40 24.53
N LYS A 91 17.25 13.31 24.44
CA LYS A 91 18.14 12.91 25.53
C LYS A 91 19.29 13.89 25.71
N MET A 92 19.82 14.40 24.61
CA MET A 92 20.91 15.38 24.61
C MET A 92 20.45 16.70 25.20
N ALA A 93 19.25 17.15 24.78
CA ALA A 93 18.64 18.39 25.26
C ALA A 93 18.43 18.27 26.77
N ALA A 94 17.86 17.14 27.19
CA ALA A 94 17.63 16.89 28.60
C ALA A 94 18.96 16.93 29.40
N ARG A 95 20.03 16.36 28.85
CA ARG A 95 21.33 16.36 29.52
C ARG A 95 21.83 17.81 29.64
N LYS A 96 21.56 18.64 28.63
CA LYS A 96 21.95 20.03 28.69
C LYS A 96 21.24 20.80 29.80
N TYR A 97 19.93 20.60 29.95
CA TYR A 97 19.19 21.27 31.00
C TYR A 97 19.69 20.83 32.37
N ALA A 98 19.96 19.53 32.52
CA ALA A 98 20.42 18.99 33.80
C ALA A 98 21.78 19.59 34.18
N ARG A 99 22.58 19.93 33.17
CA ARG A 99 23.89 20.54 33.36
C ARG A 99 23.71 22.02 33.65
N ILE A 100 22.68 22.63 33.07
CA ILE A 100 22.37 24.04 33.32
C ILE A 100 22.00 24.11 34.80
N VAL A 101 21.14 23.17 35.21
CA VAL A 101 20.70 23.10 36.60
C VAL A 101 21.86 22.87 37.55
N GLN A 102 22.82 22.05 37.14
CA GLN A 102 24.01 21.79 37.96
C GLN A 102 24.87 23.04 38.04
N LYS A 103 25.07 23.72 36.92
CA LYS A 103 25.89 24.93 36.94
C LYS A 103 25.19 26.03 37.75
N LEU A 104 23.92 25.83 38.07
CA LEU A 104 23.17 26.80 38.85
C LEU A 104 23.34 26.47 40.34
N GLY A 105 23.99 25.36 40.64
CA GLY A 105 24.23 25.00 42.01
C GLY A 105 23.50 23.81 42.61
N PHE A 106 22.71 23.08 41.81
CA PHE A 106 22.00 21.94 42.36
C PHE A 106 22.69 20.65 41.95
N PRO A 107 22.85 19.69 42.88
CA PRO A 107 23.51 18.41 42.61
C PRO A 107 22.68 17.45 41.73
N ALA A 108 22.27 17.94 40.56
CA ALA A 108 21.45 17.16 39.66
C ALA A 108 22.15 15.94 39.09
N LYS A 109 21.39 14.85 39.06
CA LYS A 109 21.79 13.56 38.54
C LYS A 109 20.94 13.42 37.26
N PHE A 110 20.95 12.25 36.63
CA PHE A 110 20.17 12.08 35.41
C PHE A 110 19.57 10.69 35.41
N LYS A 111 18.47 10.51 36.13
CA LYS A 111 17.88 9.18 36.18
C LYS A 111 16.49 8.99 35.59
N ASP A 112 16.21 7.73 35.26
CA ASP A 112 14.94 7.30 34.69
C ASP A 112 14.56 8.06 33.43
N PHE A 113 15.53 8.34 32.57
CA PHE A 113 15.21 9.03 31.32
C PHE A 113 14.30 8.12 30.50
N LYS A 114 13.14 8.63 30.11
CA LYS A 114 12.17 7.85 29.37
C LYS A 114 11.47 8.66 28.28
N ILE A 115 11.32 8.08 27.10
CA ILE A 115 10.59 8.73 26.00
C ILE A 115 9.11 8.50 26.30
N GLN A 116 8.37 9.60 26.47
CA GLN A 116 6.95 9.55 26.81
C GLN A 116 5.95 9.65 25.65
N ASN A 117 6.31 10.37 24.59
CA ASN A 117 5.43 10.50 23.43
C ASN A 117 6.25 10.91 22.21
N ILE A 118 5.85 10.38 21.05
CA ILE A 118 6.52 10.68 19.80
C ILE A 118 5.44 11.05 18.81
N VAL A 119 5.62 12.19 18.13
CA VAL A 119 4.65 12.67 17.13
C VAL A 119 5.38 12.67 15.80
N GLY A 120 4.81 11.98 14.81
CA GLY A 120 5.40 11.92 13.50
C GLY A 120 4.35 12.33 12.51
N SER A 121 4.74 12.79 11.34
CA SER A 121 3.75 13.18 10.34
C SER A 121 4.23 12.76 8.98
N CYS A 122 3.31 12.57 8.04
CA CYS A 122 3.71 12.23 6.68
C CYS A 122 2.65 12.66 5.68
N ASP A 123 2.93 12.42 4.40
CA ASP A 123 2.04 12.83 3.33
C ASP A 123 1.94 11.69 2.30
N VAL A 124 0.76 11.10 2.15
CA VAL A 124 0.58 10.04 1.18
C VAL A 124 0.43 10.62 -0.20
N LYS A 125 0.19 11.93 -0.24
CA LYS A 125 0.09 12.67 -1.50
C LYS A 125 -1.09 12.39 -2.43
N PHE A 126 -2.25 12.09 -1.85
CA PHE A 126 -3.46 11.86 -2.61
C PHE A 126 -4.59 12.17 -1.65
N PRO A 127 -5.70 12.72 -2.15
CA PRO A 127 -6.90 13.08 -1.39
C PRO A 127 -7.55 11.87 -0.73
N ILE A 128 -8.19 12.09 0.43
CA ILE A 128 -8.84 11.00 1.16
C ILE A 128 -10.30 11.34 1.39
N ARG A 129 -11.16 10.35 1.26
CA ARG A 129 -12.58 10.53 1.50
C ARG A 129 -12.75 10.17 2.96
N LEU A 130 -12.70 11.18 3.82
CA LEU A 130 -12.82 10.99 5.25
C LEU A 130 -14.14 10.43 5.75
N GLU A 131 -15.23 10.78 5.10
CA GLU A 131 -16.53 10.29 5.55
C GLU A 131 -16.68 8.80 5.33
N GLY A 132 -16.29 8.34 4.14
CA GLY A 132 -16.40 6.93 3.85
C GLY A 132 -15.52 6.11 4.75
N LEU A 133 -14.28 6.57 4.91
CA LEU A 133 -13.34 5.87 5.78
C LEU A 133 -13.87 5.80 7.22
N ALA A 134 -14.38 6.91 7.72
CA ALA A 134 -14.91 6.98 9.08
C ALA A 134 -16.03 5.99 9.25
N TYR A 135 -16.93 5.99 8.28
CA TYR A 135 -18.10 5.11 8.28
C TYR A 135 -17.71 3.63 8.25
N SER A 136 -16.75 3.28 7.41
CA SER A 136 -16.31 1.89 7.31
C SER A 136 -15.49 1.45 8.52
N HIS A 137 -15.02 2.41 9.32
CA HIS A 137 -14.21 2.15 10.53
C HIS A 137 -14.77 2.90 11.74
N ALA A 138 -16.06 2.73 11.98
CA ALA A 138 -16.75 3.39 13.07
C ALA A 138 -16.16 3.05 14.43
N ALA A 139 -15.72 1.82 14.59
CA ALA A 139 -15.15 1.40 15.87
C ALA A 139 -13.91 2.17 16.26
N PHE A 140 -13.21 2.74 15.29
CA PHE A 140 -11.98 3.50 15.57
C PHE A 140 -12.05 4.97 15.19
N SER A 141 -13.04 5.34 14.40
CA SER A 141 -13.11 6.70 13.91
C SER A 141 -14.00 7.71 14.58
N SER A 142 -13.54 8.97 14.56
CA SER A 142 -14.29 10.10 15.07
C SER A 142 -14.13 11.19 14.02
N TYR A 143 -15.20 11.50 13.33
CA TYR A 143 -15.15 12.52 12.30
C TYR A 143 -16.30 13.52 12.48
N GLU A 144 -15.95 14.69 12.98
CA GLU A 144 -16.88 15.77 13.23
C GLU A 144 -16.12 16.98 12.70
N PRO A 145 -16.15 17.18 11.37
CA PRO A 145 -15.47 18.26 10.68
C PRO A 145 -15.73 19.67 11.16
N GLU A 146 -16.87 19.91 11.79
CA GLU A 146 -17.18 21.25 12.26
C GLU A 146 -16.40 21.59 13.52
N LEU A 147 -15.98 20.56 14.24
CA LEU A 147 -15.19 20.74 15.44
C LEU A 147 -13.71 20.71 15.01
N PHE A 148 -13.33 19.65 14.31
CA PHE A 148 -11.98 19.48 13.82
C PHE A 148 -12.08 18.82 12.45
N PRO A 149 -11.49 19.44 11.44
CA PRO A 149 -11.50 18.93 10.07
C PRO A 149 -10.69 17.67 9.80
N GLY A 150 -10.10 17.09 10.83
CA GLY A 150 -9.33 15.87 10.64
C GLY A 150 -10.05 14.71 11.28
N LEU A 151 -10.01 13.54 10.64
CA LEU A 151 -10.63 12.35 11.19
C LEU A 151 -9.68 11.81 12.26
N ILE A 152 -10.22 11.50 13.43
CA ILE A 152 -9.40 10.97 14.50
C ILE A 152 -9.52 9.46 14.47
N TYR A 153 -8.42 8.80 14.13
CA TYR A 153 -8.41 7.36 14.05
C TYR A 153 -7.65 6.76 15.26
N ARG A 154 -8.39 6.18 16.19
CA ARG A 154 -7.79 5.59 17.37
C ARG A 154 -7.53 4.10 17.13
N MET A 155 -6.31 3.81 16.69
CA MET A 155 -5.87 2.47 16.38
C MET A 155 -5.57 1.70 17.67
N LYS A 156 -5.93 0.42 17.70
CA LYS A 156 -5.70 -0.38 18.89
C LYS A 156 -4.41 -1.16 18.92
N VAL A 157 -3.92 -1.58 17.76
CA VAL A 157 -2.66 -2.31 17.72
C VAL A 157 -1.86 -1.80 16.55
N PRO A 158 -0.83 -1.00 16.82
CA PRO A 158 -0.42 -0.60 18.17
C PRO A 158 -1.41 0.48 18.65
N LYS A 159 -1.43 0.80 19.94
CA LYS A 159 -2.35 1.83 20.42
C LYS A 159 -1.80 3.21 20.03
N ILE A 160 -2.20 3.68 18.87
CA ILE A 160 -1.73 4.96 18.33
C ILE A 160 -2.93 5.76 17.82
N VAL A 161 -2.81 7.08 17.83
CA VAL A 161 -3.87 7.92 17.32
C VAL A 161 -3.36 8.65 16.07
N LEU A 162 -4.10 8.51 14.98
CA LEU A 162 -3.72 9.15 13.74
C LEU A 162 -4.79 10.18 13.35
N LEU A 163 -4.34 11.34 12.91
CA LEU A 163 -5.20 12.43 12.46
C LEU A 163 -5.08 12.33 10.95
N ILE A 164 -6.18 12.07 10.27
CA ILE A 164 -6.19 11.91 8.82
C ILE A 164 -6.93 13.07 8.16
N PHE A 165 -6.26 13.76 7.26
CA PHE A 165 -6.87 14.91 6.59
C PHE A 165 -7.16 14.64 5.12
N VAL A 166 -8.12 15.38 4.55
CA VAL A 166 -8.49 15.23 3.14
C VAL A 166 -7.29 15.35 2.19
N SER A 167 -6.36 16.22 2.57
CA SER A 167 -5.19 16.48 1.77
C SER A 167 -4.25 15.28 1.62
N GLY A 168 -4.36 14.30 2.49
CA GLY A 168 -3.44 13.19 2.39
C GLY A 168 -2.31 13.36 3.40
N LYS A 169 -2.38 14.41 4.21
CA LYS A 169 -1.38 14.63 5.25
C LYS A 169 -1.85 13.83 6.47
N ILE A 170 -0.95 13.15 7.15
CA ILE A 170 -1.33 12.33 8.30
C ILE A 170 -0.49 12.67 9.53
N VAL A 171 -1.11 12.69 10.70
CA VAL A 171 -0.40 12.95 11.95
C VAL A 171 -0.54 11.68 12.79
N ILE A 172 0.58 11.17 13.28
CA ILE A 172 0.61 9.94 14.07
C ILE A 172 1.17 10.28 15.45
N THR A 173 0.36 10.09 16.48
CA THR A 173 0.79 10.42 17.82
C THR A 173 0.43 9.37 18.89
N GLY A 174 1.16 9.43 20.01
CA GLY A 174 0.95 8.53 21.14
C GLY A 174 1.95 7.40 21.29
N ALA A 175 2.98 7.35 20.45
CA ALA A 175 3.98 6.28 20.50
C ALA A 175 5.12 6.52 21.46
N LYS A 176 5.59 5.44 22.08
CA LYS A 176 6.71 5.51 23.01
C LYS A 176 7.95 5.00 22.28
N MET A 177 7.76 4.44 21.08
CA MET A 177 8.86 3.93 20.29
C MET A 177 8.56 4.28 18.85
N ARG A 178 9.57 4.67 18.10
CA ARG A 178 9.34 5.05 16.71
C ARG A 178 8.76 3.93 15.84
N ASP A 179 8.97 2.68 16.24
CA ASP A 179 8.45 1.54 15.50
C ASP A 179 6.94 1.45 15.60
N GLU A 180 6.36 1.95 16.68
CA GLU A 180 4.92 1.94 16.81
C GLU A 180 4.37 2.95 15.84
N THR A 181 5.10 4.05 15.66
CA THR A 181 4.73 5.13 14.74
C THR A 181 4.70 4.58 13.31
N TYR A 182 5.78 3.90 12.95
CA TYR A 182 5.95 3.33 11.63
C TYR A 182 4.93 2.23 11.32
N LYS A 183 4.62 1.41 12.32
CA LYS A 183 3.64 0.33 12.16
C LYS A 183 2.23 0.89 12.00
N ALA A 184 1.90 1.93 12.76
CA ALA A 184 0.57 2.54 12.68
C ALA A 184 0.37 3.06 11.29
N PHE A 185 1.40 3.71 10.74
CA PHE A 185 1.31 4.23 9.39
C PHE A 185 1.13 3.12 8.36
N GLU A 186 1.90 2.05 8.51
CA GLU A 186 1.80 0.94 7.58
C GLU A 186 0.42 0.28 7.65
N ASN A 187 -0.14 0.18 8.85
CA ASN A 187 -1.44 -0.43 9.03
C ASN A 187 -2.55 0.39 8.35
N ILE A 188 -2.43 1.72 8.39
CA ILE A 188 -3.44 2.62 7.81
C ILE A 188 -3.32 2.87 6.32
N TYR A 189 -2.12 2.70 5.77
CA TYR A 189 -1.87 2.94 4.35
C TYR A 189 -2.87 2.24 3.43
N PRO A 190 -3.07 0.92 3.61
CA PRO A 190 -4.01 0.20 2.75
C PRO A 190 -5.39 0.83 2.85
N VAL A 191 -5.74 1.26 4.06
CA VAL A 191 -7.03 1.89 4.33
C VAL A 191 -7.16 3.23 3.63
N LEU A 192 -6.13 4.07 3.72
CA LEU A 192 -6.15 5.38 3.10
C LEU A 192 -6.29 5.24 1.59
N SER A 193 -5.53 4.32 1.01
CA SER A 193 -5.59 4.07 -0.43
C SER A 193 -7.00 3.70 -0.87
N GLU A 194 -7.62 2.83 -0.10
CA GLU A 194 -8.96 2.37 -0.38
C GLU A 194 -9.97 3.50 -0.44
N PHE A 195 -9.76 4.55 0.36
CA PHE A 195 -10.66 5.69 0.39
C PHE A 195 -10.06 6.89 -0.25
N ARG A 196 -9.24 6.69 -1.27
CA ARG A 196 -8.63 7.79 -1.99
C ARG A 196 -9.77 8.54 -2.70
N LYS A 197 -9.73 9.86 -2.68
CA LYS A 197 -10.77 10.64 -3.32
C LYS A 197 -10.41 10.85 -4.77
N ILE A 198 -11.28 10.39 -5.67
CA ILE A 198 -11.01 10.54 -7.11
C ILE A 198 -11.81 11.66 -7.79
N VAL B 12 3.23 -7.62 0.98
CA VAL B 12 2.84 -6.90 -0.25
C VAL B 12 3.58 -5.57 -0.34
N ASP B 13 4.18 -5.30 -1.50
CA ASP B 13 4.89 -4.06 -1.72
C ASP B 13 3.85 -2.97 -1.88
N LEU B 14 3.49 -2.33 -0.78
CA LEU B 14 2.49 -1.27 -0.78
C LEU B 14 2.85 -0.14 -1.72
N SER B 15 4.12 0.06 -1.94
CA SER B 15 4.58 1.10 -2.85
C SER B 15 4.05 0.81 -4.26
N LYS B 16 3.89 -0.47 -4.59
CA LYS B 16 3.39 -0.90 -5.91
C LYS B 16 1.91 -1.18 -5.87
N HIS B 17 1.45 -1.62 -4.71
CA HIS B 17 0.06 -1.98 -4.52
C HIS B 17 -0.46 -1.30 -3.26
N PRO B 18 -0.77 0.00 -3.36
CA PRO B 18 -1.28 0.82 -2.26
C PRO B 18 -2.43 0.14 -1.52
N SER B 19 -3.30 -0.52 -2.28
CA SER B 19 -4.46 -1.23 -1.74
C SER B 19 -4.06 -2.41 -0.86
N GLY B 20 -2.84 -2.90 -1.06
CA GLY B 20 -2.33 -4.03 -0.32
C GLY B 20 -2.84 -5.33 -0.88
N ILE B 21 -3.45 -5.29 -2.07
CA ILE B 21 -4.00 -6.48 -2.70
C ILE B 21 -3.33 -6.60 -4.07
N VAL B 22 -2.92 -7.81 -4.42
CA VAL B 22 -2.28 -8.07 -5.71
C VAL B 22 -3.05 -9.11 -6.51
N PRO B 23 -3.58 -8.72 -7.67
CA PRO B 23 -4.34 -9.62 -8.54
C PRO B 23 -3.49 -10.86 -8.85
N THR B 24 -4.13 -12.01 -8.88
CA THR B 24 -3.47 -13.28 -9.18
C THR B 24 -3.59 -13.54 -10.67
N LEU B 25 -2.48 -13.81 -11.35
CA LEU B 25 -2.53 -14.10 -12.78
C LEU B 25 -3.11 -15.51 -12.98
N GLN B 26 -4.13 -15.59 -13.80
CA GLN B 26 -4.84 -16.83 -14.05
C GLN B 26 -4.66 -17.47 -15.41
N ASN B 27 -4.30 -16.66 -16.39
CA ASN B 27 -4.17 -17.17 -17.75
C ASN B 27 -3.34 -16.23 -18.59
N ILE B 28 -2.44 -16.77 -19.38
CA ILE B 28 -1.61 -15.95 -20.25
C ILE B 28 -1.79 -16.44 -21.68
N VAL B 29 -1.99 -15.51 -22.61
CA VAL B 29 -2.11 -15.84 -24.02
C VAL B 29 -0.92 -15.19 -24.69
N SER B 30 -0.16 -15.98 -25.44
CA SER B 30 0.99 -15.46 -26.15
C SER B 30 1.08 -16.08 -27.54
N THR B 31 1.94 -15.50 -28.37
CA THR B 31 2.14 -15.99 -29.72
C THR B 31 3.64 -16.01 -29.98
N VAL B 32 4.06 -16.83 -30.94
CA VAL B 32 5.45 -16.91 -31.30
C VAL B 32 5.47 -17.33 -32.75
N ASN B 33 6.53 -16.97 -33.45
CA ASN B 33 6.66 -17.28 -34.85
C ASN B 33 7.72 -18.35 -35.02
N LEU B 34 7.29 -19.58 -35.26
CA LEU B 34 8.23 -20.67 -35.43
C LEU B 34 9.01 -20.47 -36.71
N ASP B 35 8.59 -19.48 -37.48
CA ASP B 35 9.24 -19.10 -38.71
C ASP B 35 9.63 -20.25 -39.64
N CYS B 36 8.63 -21.02 -40.04
CA CYS B 36 8.82 -22.14 -40.96
C CYS B 36 7.45 -22.77 -41.19
N LYS B 37 7.10 -23.02 -42.44
CA LYS B 37 5.81 -23.61 -42.78
C LYS B 37 5.71 -24.99 -42.17
N LEU B 38 4.55 -25.37 -41.69
CA LEU B 38 4.40 -26.67 -41.07
C LEU B 38 3.38 -27.55 -41.78
N ASP B 39 3.57 -28.86 -41.68
CA ASP B 39 2.66 -29.80 -42.29
C ASP B 39 1.79 -30.19 -41.11
N LEU B 40 0.54 -29.72 -41.09
CA LEU B 40 -0.33 -30.01 -39.95
C LEU B 40 -0.88 -31.42 -39.89
N LYS B 41 -1.08 -32.05 -41.03
CA LYS B 41 -1.57 -33.44 -41.05
C LYS B 41 -0.45 -34.33 -40.54
N ALA B 42 0.79 -34.03 -40.92
CA ALA B 42 1.94 -34.78 -40.50
C ALA B 42 2.06 -34.65 -38.99
N ILE B 43 2.17 -33.41 -38.51
CA ILE B 43 2.28 -33.14 -37.08
C ILE B 43 1.19 -33.87 -36.28
N ALA B 44 -0.08 -33.67 -36.66
CA ALA B 44 -1.20 -34.29 -35.97
C ALA B 44 -1.11 -35.82 -35.89
N LEU B 45 -0.38 -36.42 -36.82
CA LEU B 45 -0.22 -37.87 -36.85
C LEU B 45 1.04 -38.35 -36.12
N GLN B 46 2.10 -37.56 -36.12
CA GLN B 46 3.32 -37.95 -35.44
C GLN B 46 3.25 -37.68 -33.94
N ALA B 47 2.77 -36.49 -33.57
CA ALA B 47 2.69 -36.13 -32.15
C ALA B 47 1.46 -36.73 -31.50
N ARG B 48 1.64 -37.44 -30.39
CA ARG B 48 0.50 -38.08 -29.71
C ARG B 48 -0.36 -37.05 -29.00
N ASN B 49 0.28 -35.97 -28.57
CA ASN B 49 -0.40 -34.88 -27.88
C ASN B 49 -1.19 -33.92 -28.78
N ALA B 50 -1.50 -34.34 -30.02
CA ALA B 50 -2.19 -33.46 -30.97
C ALA B 50 -3.58 -33.85 -31.47
N GLU B 51 -4.43 -32.83 -31.69
CA GLU B 51 -5.80 -32.99 -32.20
C GLU B 51 -5.93 -32.07 -33.39
N TYR B 52 -6.43 -32.59 -34.51
CA TYR B 52 -6.56 -31.76 -35.70
C TYR B 52 -7.80 -32.05 -36.56
N ASN B 53 -8.59 -31.00 -36.77
CA ASN B 53 -9.80 -31.07 -37.58
C ASN B 53 -9.94 -29.74 -38.31
N PRO B 54 -9.34 -29.61 -39.51
CA PRO B 54 -9.38 -28.39 -40.31
C PRO B 54 -10.78 -27.92 -40.73
N LYS B 55 -11.78 -28.81 -40.63
CA LYS B 55 -13.15 -28.42 -40.97
C LYS B 55 -13.70 -27.61 -39.80
N ARG B 56 -13.15 -27.85 -38.63
CA ARG B 56 -13.55 -27.18 -37.41
C ARG B 56 -12.71 -25.92 -37.17
N PHE B 57 -11.38 -26.04 -37.28
CA PHE B 57 -10.48 -24.92 -37.04
C PHE B 57 -9.17 -25.23 -37.76
N ALA B 58 -8.50 -24.21 -38.28
CA ALA B 58 -7.24 -24.39 -39.01
C ALA B 58 -5.99 -24.67 -38.15
N ALA B 59 -6.16 -25.18 -36.95
CA ALA B 59 -5.00 -25.39 -36.12
C ALA B 59 -4.93 -26.76 -35.49
N VAL B 60 -3.70 -27.20 -35.24
CA VAL B 60 -3.43 -28.45 -34.57
C VAL B 60 -3.43 -28.00 -33.12
N ILE B 61 -4.34 -28.57 -32.32
CA ILE B 61 -4.45 -28.26 -30.91
C ILE B 61 -3.59 -29.28 -30.16
N MET B 62 -2.61 -28.79 -29.40
CA MET B 62 -1.69 -29.65 -28.66
C MET B 62 -1.62 -29.20 -27.20
N ARG B 63 -1.29 -30.11 -26.29
CA ARG B 63 -1.22 -29.79 -24.86
C ARG B 63 -0.05 -30.45 -24.11
N ILE B 64 0.46 -29.77 -23.10
CA ILE B 64 1.52 -30.33 -22.26
C ILE B 64 1.05 -30.19 -20.82
N ARG B 65 1.63 -31.03 -19.98
CA ARG B 65 1.31 -31.06 -18.57
C ARG B 65 1.98 -29.99 -17.73
N GLU B 66 3.21 -29.62 -18.08
CA GLU B 66 3.94 -28.60 -17.35
C GLU B 66 4.78 -27.76 -18.28
N PRO B 67 4.52 -26.44 -18.36
CA PRO B 67 3.48 -25.69 -17.64
C PRO B 67 2.17 -26.13 -18.27
N LYS B 68 1.11 -26.23 -17.49
CA LYS B 68 -0.16 -26.68 -18.06
C LYS B 68 -0.64 -25.68 -19.11
N THR B 69 -0.54 -26.03 -20.38
CA THR B 69 -0.98 -25.14 -21.46
C THR B 69 -1.59 -25.90 -22.64
N THR B 70 -2.05 -25.12 -23.62
CA THR B 70 -2.62 -25.64 -24.87
C THR B 70 -2.02 -24.71 -25.92
N ALA B 71 -1.55 -25.27 -27.04
CA ALA B 71 -0.97 -24.51 -28.14
C ALA B 71 -1.84 -24.68 -29.37
N LEU B 72 -1.97 -23.60 -30.13
CA LEU B 72 -2.73 -23.63 -31.38
C LEU B 72 -1.61 -23.44 -32.36
N ILE B 73 -1.32 -24.48 -33.13
CA ILE B 73 -0.23 -24.45 -34.10
C ILE B 73 -0.80 -24.39 -35.51
N PHE B 74 -0.41 -23.37 -36.25
CA PHE B 74 -0.91 -23.16 -37.59
C PHE B 74 0.12 -23.50 -38.66
N ALA B 75 -0.34 -23.78 -39.87
CA ALA B 75 0.50 -24.13 -41.01
C ALA B 75 1.53 -23.07 -41.39
N SER B 76 1.19 -21.81 -41.13
CA SER B 76 2.06 -20.67 -41.42
C SER B 76 3.31 -20.64 -40.53
N GLY B 77 3.33 -21.45 -39.48
CA GLY B 77 4.45 -21.45 -38.58
C GLY B 77 4.16 -20.61 -37.34
N LYS B 78 3.03 -19.93 -37.32
CA LYS B 78 2.67 -19.13 -36.17
C LYS B 78 2.00 -20.04 -35.14
N MET B 79 2.17 -19.71 -33.87
CA MET B 79 1.59 -20.51 -32.81
C MET B 79 1.08 -19.64 -31.65
N VAL B 80 -0.06 -20.04 -31.09
CA VAL B 80 -0.69 -19.36 -29.96
C VAL B 80 -0.58 -20.29 -28.74
N CYS B 81 -0.16 -19.74 -27.62
CA CYS B 81 0.00 -20.50 -26.39
C CYS B 81 -0.95 -19.87 -25.36
N THR B 82 -1.81 -20.68 -24.73
CA THR B 82 -2.81 -20.22 -23.74
C THR B 82 -2.75 -21.09 -22.49
N GLY B 83 -3.23 -20.57 -21.35
CA GLY B 83 -3.26 -21.39 -20.15
C GLY B 83 -2.25 -21.18 -19.04
N ALA B 84 -1.04 -20.72 -19.36
CA ALA B 84 -0.01 -20.50 -18.34
C ALA B 84 -0.46 -19.50 -17.29
N LYS B 85 0.12 -19.63 -16.11
CA LYS B 85 -0.16 -18.76 -14.98
C LYS B 85 0.77 -17.55 -14.90
N SER B 86 1.76 -17.46 -15.77
CA SER B 86 2.66 -16.31 -15.77
C SER B 86 3.31 -16.18 -17.12
N GLU B 87 3.92 -15.01 -17.34
CA GLU B 87 4.59 -14.71 -18.59
C GLU B 87 5.72 -15.69 -18.84
N ASP B 88 6.49 -15.97 -17.79
CA ASP B 88 7.62 -16.88 -17.89
C ASP B 88 7.15 -18.28 -18.25
N PHE B 89 6.11 -18.74 -17.56
CA PHE B 89 5.58 -20.07 -17.84
C PHE B 89 5.12 -20.18 -19.28
N SER B 90 4.53 -19.11 -19.79
CA SER B 90 4.02 -19.07 -21.15
C SER B 90 5.16 -19.24 -22.16
N LYS B 91 6.28 -18.58 -21.91
CA LYS B 91 7.44 -18.68 -22.81
C LYS B 91 8.05 -20.07 -22.78
N MET B 92 8.17 -20.61 -21.57
CA MET B 92 8.69 -21.94 -21.35
C MET B 92 7.76 -22.93 -22.05
N ALA B 93 6.46 -22.75 -21.88
CA ALA B 93 5.49 -23.63 -22.50
C ALA B 93 5.70 -23.56 -24.01
N ALA B 94 5.68 -22.35 -24.56
CA ALA B 94 5.87 -22.14 -25.98
C ALA B 94 7.16 -22.81 -26.51
N ARG B 95 8.28 -22.62 -25.80
CA ARG B 95 9.55 -23.22 -26.20
C ARG B 95 9.45 -24.75 -26.24
N LYS B 96 8.71 -25.34 -25.32
CA LYS B 96 8.54 -26.79 -25.31
C LYS B 96 7.81 -27.26 -26.57
N TYR B 97 6.85 -26.47 -27.04
CA TYR B 97 6.08 -26.83 -28.25
C TYR B 97 6.94 -26.66 -29.51
N ALA B 98 7.76 -25.62 -29.55
CA ALA B 98 8.66 -25.39 -30.68
C ALA B 98 9.67 -26.54 -30.79
N ARG B 99 10.09 -27.07 -29.65
CA ARG B 99 11.04 -28.18 -29.60
C ARG B 99 10.38 -29.49 -30.02
N ILE B 100 9.10 -29.62 -29.70
CA ILE B 100 8.31 -30.79 -30.08
C ILE B 100 8.19 -30.80 -31.61
N VAL B 101 7.88 -29.64 -32.19
CA VAL B 101 7.76 -29.52 -33.64
C VAL B 101 9.10 -29.80 -34.34
N GLN B 102 10.21 -29.37 -33.73
CA GLN B 102 11.53 -29.62 -34.31
C GLN B 102 11.79 -31.12 -34.33
N LYS B 103 11.50 -31.79 -33.21
CA LYS B 103 11.67 -33.24 -33.11
C LYS B 103 10.74 -33.92 -34.09
N LEU B 104 9.71 -33.21 -34.52
CA LEU B 104 8.76 -33.72 -35.48
C LEU B 104 9.27 -33.43 -36.90
N GLY B 105 10.57 -33.18 -37.03
CA GLY B 105 11.15 -32.93 -38.33
C GLY B 105 11.14 -31.55 -38.93
N PHE B 106 10.49 -30.57 -38.31
CA PHE B 106 10.47 -29.22 -38.90
C PHE B 106 11.53 -28.32 -38.30
N PRO B 107 12.19 -27.48 -39.12
CA PRO B 107 13.24 -26.55 -38.69
C PRO B 107 12.73 -25.34 -37.90
N ALA B 108 11.93 -25.61 -36.87
CA ALA B 108 11.33 -24.58 -36.03
C ALA B 108 12.30 -23.68 -35.28
N LYS B 109 11.98 -22.39 -35.25
CA LYS B 109 12.75 -21.38 -34.56
C LYS B 109 11.81 -20.71 -33.56
N PHE B 110 12.29 -19.69 -32.86
CA PHE B 110 11.48 -19.02 -31.86
C PHE B 110 11.55 -17.52 -32.10
N LYS B 111 10.85 -17.07 -33.12
CA LYS B 111 10.85 -15.66 -33.49
C LYS B 111 9.68 -14.84 -32.98
N ASP B 112 9.98 -13.62 -32.58
CA ASP B 112 8.97 -12.67 -32.11
C ASP B 112 8.01 -13.11 -31.02
N PHE B 113 8.50 -13.83 -30.01
CA PHE B 113 7.63 -14.24 -28.91
C PHE B 113 6.96 -12.98 -28.31
N LYS B 114 5.65 -13.02 -28.09
CA LYS B 114 4.96 -11.85 -27.55
C LYS B 114 3.78 -12.23 -26.69
N ILE B 115 3.67 -11.61 -25.53
CA ILE B 115 2.55 -11.82 -24.60
C ILE B 115 1.40 -10.97 -25.18
N GLN B 116 0.28 -11.62 -25.51
CA GLN B 116 -0.86 -10.96 -26.14
C GLN B 116 -2.01 -10.60 -25.21
N ASN B 117 -2.15 -11.31 -24.10
CA ASN B 117 -3.22 -11.04 -23.15
C ASN B 117 -2.91 -11.69 -21.80
N ILE B 118 -3.19 -10.97 -20.73
CA ILE B 118 -2.97 -11.45 -19.38
C ILE B 118 -4.28 -11.34 -18.61
N VAL B 119 -4.71 -12.44 -18.00
CA VAL B 119 -5.98 -12.46 -17.25
C VAL B 119 -5.61 -12.61 -15.77
N GLY B 120 -6.13 -11.72 -14.94
CA GLY B 120 -5.86 -11.78 -13.52
C GLY B 120 -7.14 -11.63 -12.74
N SER B 121 -7.17 -12.04 -11.49
CA SER B 121 -8.38 -11.89 -10.66
C SER B 121 -7.99 -11.56 -9.23
N CYS B 122 -8.90 -10.94 -8.49
CA CYS B 122 -8.64 -10.63 -7.09
C CYS B 122 -9.96 -10.44 -6.37
N ASP B 123 -9.87 -10.33 -5.06
CA ASP B 123 -11.03 -10.21 -4.22
C ASP B 123 -10.85 -8.97 -3.36
N VAL B 124 -11.70 -7.97 -3.55
CA VAL B 124 -11.61 -6.74 -2.78
C VAL B 124 -12.08 -6.88 -1.34
N LYS B 125 -12.64 -8.05 -1.03
CA LYS B 125 -13.11 -8.34 0.31
C LYS B 125 -14.39 -7.66 0.85
N PHE B 126 -15.28 -7.26 -0.04
CA PHE B 126 -16.54 -6.65 0.36
C PHE B 126 -17.53 -6.70 -0.82
N PRO B 127 -18.83 -6.87 -0.53
CA PRO B 127 -19.84 -6.93 -1.59
C PRO B 127 -20.02 -5.59 -2.26
N ILE B 128 -20.32 -5.61 -3.55
CA ILE B 128 -20.49 -4.40 -4.35
C ILE B 128 -21.90 -4.17 -4.92
N ARG B 129 -22.34 -2.91 -4.87
CA ARG B 129 -23.64 -2.48 -5.40
C ARG B 129 -23.39 -2.15 -6.87
N LEU B 130 -23.48 -3.17 -7.71
CA LEU B 130 -23.23 -3.01 -9.13
C LEU B 130 -24.06 -1.93 -9.80
N GLU B 131 -25.30 -1.78 -9.36
CA GLU B 131 -26.24 -0.79 -9.92
C GLU B 131 -25.78 0.66 -9.72
N GLY B 132 -25.36 0.99 -8.51
CA GLY B 132 -24.89 2.33 -8.24
C GLY B 132 -23.65 2.63 -9.07
N LEU B 133 -22.70 1.71 -9.04
CA LEU B 133 -21.46 1.83 -9.78
C LEU B 133 -21.76 2.09 -11.26
N ALA B 134 -22.61 1.26 -11.85
CA ALA B 134 -22.95 1.41 -13.25
C ALA B 134 -23.61 2.74 -13.58
N TYR B 135 -24.53 3.18 -12.72
CA TYR B 135 -25.26 4.43 -12.93
C TYR B 135 -24.28 5.62 -12.90
N SER B 136 -23.43 5.63 -11.88
CA SER B 136 -22.45 6.71 -11.71
C SER B 136 -21.31 6.68 -12.73
N HIS B 137 -21.16 5.57 -13.46
CA HIS B 137 -20.11 5.43 -14.46
C HIS B 137 -20.72 4.82 -15.70
N ALA B 138 -21.82 5.40 -16.15
CA ALA B 138 -22.52 4.89 -17.32
C ALA B 138 -21.60 4.87 -18.53
N ALA B 139 -20.70 5.85 -18.60
CA ALA B 139 -19.76 5.95 -19.71
C ALA B 139 -18.71 4.82 -19.80
N PHE B 140 -18.55 4.08 -18.70
CA PHE B 140 -17.57 3.00 -18.67
C PHE B 140 -18.19 1.65 -18.42
N SER B 141 -19.33 1.65 -17.74
CA SER B 141 -20.01 0.43 -17.33
C SER B 141 -21.03 -0.13 -18.29
N SER B 142 -21.35 -1.40 -18.07
CA SER B 142 -22.34 -2.11 -18.83
C SER B 142 -22.82 -3.19 -17.87
N TYR B 143 -24.01 -3.02 -17.34
CA TYR B 143 -24.57 -3.96 -16.37
C TYR B 143 -25.96 -4.46 -16.74
N GLU B 144 -26.01 -5.70 -17.23
CA GLU B 144 -27.25 -6.34 -17.63
C GLU B 144 -27.26 -7.69 -16.95
N PRO B 145 -27.63 -7.72 -15.65
CA PRO B 145 -27.69 -8.92 -14.80
C PRO B 145 -28.42 -10.14 -15.34
N GLU B 146 -29.38 -9.94 -16.23
CA GLU B 146 -30.11 -11.07 -16.81
C GLU B 146 -29.29 -11.82 -17.85
N LEU B 147 -28.30 -11.14 -18.43
CA LEU B 147 -27.44 -11.75 -19.42
C LEU B 147 -26.16 -12.28 -18.75
N PHE B 148 -25.55 -11.45 -17.89
CA PHE B 148 -24.33 -11.81 -17.18
C PHE B 148 -24.37 -11.08 -15.82
N PRO B 149 -24.12 -11.81 -14.74
CA PRO B 149 -24.12 -11.24 -13.38
C PRO B 149 -23.08 -10.17 -13.09
N GLY B 150 -22.05 -10.05 -13.91
CA GLY B 150 -21.02 -9.07 -13.61
C GLY B 150 -21.08 -7.77 -14.38
N LEU B 151 -20.57 -6.71 -13.77
CA LEU B 151 -20.54 -5.41 -14.41
C LEU B 151 -19.29 -5.37 -15.28
N ILE B 152 -19.47 -5.01 -16.56
CA ILE B 152 -18.37 -4.91 -17.51
C ILE B 152 -17.89 -3.47 -17.42
N TYR B 153 -16.69 -3.29 -16.89
CA TYR B 153 -16.10 -1.96 -16.77
C TYR B 153 -14.93 -1.85 -17.73
N ARG B 154 -15.12 -1.02 -18.76
CA ARG B 154 -14.12 -0.79 -19.77
C ARG B 154 -13.34 0.48 -19.45
N MET B 155 -12.23 0.30 -18.73
CA MET B 155 -11.37 1.39 -18.31
C MET B 155 -10.54 1.92 -19.49
N LYS B 156 -10.40 3.23 -19.56
CA LYS B 156 -9.65 3.90 -20.65
C LYS B 156 -8.13 3.92 -20.45
N VAL B 157 -7.68 4.14 -19.22
CA VAL B 157 -6.26 4.20 -18.93
C VAL B 157 -5.99 3.44 -17.64
N PRO B 158 -5.38 2.25 -17.74
CA PRO B 158 -4.97 1.65 -19.00
C PRO B 158 -6.22 1.09 -19.69
N LYS B 159 -6.09 0.69 -20.94
CA LYS B 159 -7.22 0.15 -21.68
C LYS B 159 -7.39 -1.29 -21.20
N ILE B 160 -8.19 -1.45 -20.16
CA ILE B 160 -8.40 -2.75 -19.55
C ILE B 160 -9.88 -2.99 -19.32
N VAL B 161 -10.29 -4.25 -19.26
CA VAL B 161 -11.67 -4.60 -19.03
C VAL B 161 -11.76 -5.39 -17.71
N LEU B 162 -12.61 -4.90 -16.81
CA LEU B 162 -12.80 -5.54 -15.51
C LEU B 162 -14.23 -6.05 -15.39
N LEU B 163 -14.38 -7.26 -14.85
CA LEU B 163 -15.69 -7.85 -14.63
C LEU B 163 -15.80 -7.80 -13.13
N ILE B 164 -16.74 -6.99 -12.66
CA ILE B 164 -17.00 -6.76 -11.23
C ILE B 164 -18.25 -7.49 -10.77
N PHE B 165 -18.13 -8.27 -9.71
CA PHE B 165 -19.24 -9.05 -9.19
C PHE B 165 -19.69 -8.57 -7.83
N VAL B 166 -20.93 -8.87 -7.46
CA VAL B 166 -21.48 -8.43 -6.17
C VAL B 166 -20.70 -9.00 -4.99
N SER B 167 -20.12 -10.18 -5.18
CA SER B 167 -19.33 -10.84 -4.14
C SER B 167 -18.08 -10.05 -3.79
N GLY B 168 -17.61 -9.25 -4.73
CA GLY B 168 -16.41 -8.47 -4.47
C GLY B 168 -15.27 -9.04 -5.27
N LYS B 169 -15.53 -10.11 -6.02
CA LYS B 169 -14.51 -10.70 -6.87
C LYS B 169 -14.40 -9.92 -8.19
N ILE B 170 -13.18 -9.74 -8.68
CA ILE B 170 -12.97 -8.97 -9.88
C ILE B 170 -12.09 -9.74 -10.86
N VAL B 171 -12.40 -9.64 -12.14
CA VAL B 171 -11.59 -10.25 -13.18
C VAL B 171 -11.03 -9.07 -13.97
N ILE B 172 -9.75 -9.12 -14.29
CA ILE B 172 -9.11 -8.05 -15.03
C ILE B 172 -8.48 -8.69 -16.27
N THR B 173 -8.88 -8.26 -17.45
CA THR B 173 -8.34 -8.86 -18.67
C THR B 173 -8.02 -7.87 -19.80
N GLY B 174 -7.16 -8.29 -20.71
CA GLY B 174 -6.78 -7.43 -21.81
C GLY B 174 -5.40 -6.81 -21.72
N ALA B 175 -4.67 -7.06 -20.62
CA ALA B 175 -3.34 -6.47 -20.47
C ALA B 175 -2.26 -7.23 -21.24
N LYS B 176 -1.26 -6.51 -21.69
CA LYS B 176 -0.15 -7.13 -22.38
C LYS B 176 1.04 -7.10 -21.44
N MET B 177 0.90 -6.30 -20.37
CA MET B 177 1.92 -6.13 -19.33
C MET B 177 1.20 -6.33 -18.01
N ARG B 178 1.80 -7.06 -17.06
CA ARG B 178 1.16 -7.29 -15.76
C ARG B 178 0.95 -6.01 -14.94
N ASP B 179 1.76 -4.99 -15.24
CA ASP B 179 1.63 -3.70 -14.59
C ASP B 179 0.31 -3.01 -14.95
N GLU B 180 -0.24 -3.33 -16.12
CA GLU B 180 -1.54 -2.77 -16.55
C GLU B 180 -2.64 -3.43 -15.71
N THR B 181 -2.48 -4.72 -15.43
CA THR B 181 -3.43 -5.48 -14.62
C THR B 181 -3.49 -4.86 -13.21
N TYR B 182 -2.31 -4.62 -12.63
CA TYR B 182 -2.18 -4.05 -11.30
C TYR B 182 -2.70 -2.63 -11.25
N LYS B 183 -2.32 -1.84 -12.25
CA LYS B 183 -2.72 -0.44 -12.36
C LYS B 183 -4.25 -0.28 -12.52
N ALA B 184 -4.87 -1.17 -13.29
CA ALA B 184 -6.31 -1.11 -13.49
C ALA B 184 -6.99 -1.41 -12.16
N PHE B 185 -6.52 -2.43 -11.47
CA PHE B 185 -7.10 -2.76 -10.17
C PHE B 185 -6.94 -1.61 -9.18
N GLU B 186 -5.73 -1.06 -9.09
CA GLU B 186 -5.48 0.05 -8.18
C GLU B 186 -6.36 1.25 -8.51
N ASN B 187 -6.67 1.45 -9.79
CA ASN B 187 -7.53 2.53 -10.23
C ASN B 187 -8.97 2.29 -9.81
N ILE B 188 -9.46 1.09 -10.05
CA ILE B 188 -10.86 0.78 -9.73
C ILE B 188 -11.16 0.62 -8.25
N TYR B 189 -10.17 0.22 -7.46
CA TYR B 189 -10.35 -0.03 -6.03
C TYR B 189 -11.04 1.06 -5.19
N PRO B 190 -10.52 2.30 -5.19
CA PRO B 190 -11.21 3.32 -4.38
C PRO B 190 -12.57 3.71 -4.99
N VAL B 191 -12.88 3.21 -6.18
CA VAL B 191 -14.18 3.47 -6.80
C VAL B 191 -15.10 2.42 -6.22
N LEU B 192 -14.60 1.19 -6.10
CA LEU B 192 -15.39 0.10 -5.56
C LEU B 192 -15.78 0.28 -4.08
N SER B 193 -14.89 0.84 -3.28
CA SER B 193 -15.17 1.07 -1.85
C SER B 193 -16.28 2.07 -1.69
N GLU B 194 -16.55 2.80 -2.75
CA GLU B 194 -17.60 3.79 -2.76
C GLU B 194 -19.00 3.18 -2.93
N PHE B 195 -19.08 1.95 -3.41
CA PHE B 195 -20.36 1.31 -3.61
C PHE B 195 -20.42 -0.03 -2.93
N ARG B 196 -19.90 -0.09 -1.71
CA ARG B 196 -19.92 -1.33 -0.93
C ARG B 196 -21.34 -1.60 -0.45
N LYS B 197 -21.75 -2.86 -0.42
CA LYS B 197 -23.10 -3.17 0.04
C LYS B 197 -23.11 -3.25 1.56
N ILE B 198 -23.79 -2.30 2.20
CA ILE B 198 -23.89 -2.28 3.66
C ILE B 198 -24.95 -3.29 4.13
#